data_6BXR
#
_entry.id   6BXR
#
_cell.length_a   45.090
_cell.length_b   62.110
_cell.length_c   89.210
_cell.angle_alpha   90.000
_cell.angle_beta   90.000
_cell.angle_gamma   90.000
#
_symmetry.space_group_name_H-M   'P 21 21 21'
#
loop_
_entity.id
_entity.type
_entity.pdbx_description
1 polymer 'Mitochondrial association factor 1'
2 non-polymer 'BROMIDE ION'
3 non-polymer 'SODIUM ION'
4 non-polymer GLYCEROL
5 water water
#
_entity_poly.entity_id   1
_entity_poly.type   'polypeptide(L)'
_entity_poly.pdbx_seq_one_letter_code
;SQTVDLSCLSGTTVRFFGPSHHFGGFTPLYDPAPDKRVATVDAGANALFIGGGGLNGQFAKTLLEEAEKHGIRLTPEELS
QHSQRIQQSLLRRAVKSPGKLVELDTGVASPVFARSFGFVPVVPGLMWEESEVGPNVGVTFVHILKPEVTPYGNLNNNVM
MYTVAPSGAAPDKTYSLAYKTTIAGVIGAAAAYNDTPAGQQYPVQGLRLPLLGGGIFRRNRSLESIGRANAEGTSLAITR
YGPNFELQYMYDPSNAALHGLQEAESTYLASAA
;
_entity_poly.pdbx_strand_id   A
#
# COMPACT_ATOMS: atom_id res chain seq x y z
N SER A 1 -18.30 9.79 -0.43
CA SER A 1 -17.28 9.76 0.60
C SER A 1 -17.35 10.99 1.50
N GLN A 2 -16.58 10.96 2.58
CA GLN A 2 -16.45 12.07 3.50
C GLN A 2 -14.97 12.32 3.73
N THR A 3 -14.57 13.59 3.67
CA THR A 3 -13.17 13.98 3.76
C THR A 3 -13.00 14.94 4.92
N VAL A 4 -12.01 14.67 5.78
CA VAL A 4 -11.77 15.46 6.98
C VAL A 4 -10.27 15.53 7.22
N ASP A 5 -9.85 16.57 7.94
CA ASP A 5 -8.46 16.71 8.38
C ASP A 5 -8.36 16.21 9.82
N LEU A 6 -7.46 15.27 10.07
CA LEU A 6 -7.36 14.64 11.38
C LEU A 6 -6.23 15.27 12.19
N SER A 7 -6.57 15.81 13.36
CA SER A 7 -5.55 16.42 14.21
C SER A 7 -4.55 15.39 14.72
N CYS A 8 -4.99 14.15 14.91
CA CYS A 8 -4.09 13.11 15.39
C CYS A 8 -3.12 12.63 14.32
N LEU A 9 -3.33 13.05 13.08
CA LEU A 9 -2.38 12.83 11.99
C LEU A 9 -1.76 14.15 11.54
N SER A 10 -1.56 15.07 12.49
CA SER A 10 -0.94 16.37 12.23
C SER A 10 -1.67 17.14 11.12
N GLY A 11 -2.98 16.98 11.04
CA GLY A 11 -3.76 17.71 10.07
C GLY A 11 -3.85 17.08 8.70
N THR A 12 -3.38 15.85 8.55
CA THR A 12 -3.48 15.16 7.26
C THR A 12 -4.92 15.04 6.82
N THR A 13 -5.15 15.27 5.53
CA THR A 13 -6.47 15.11 4.92
C THR A 13 -6.74 13.63 4.69
N VAL A 14 -7.88 13.13 5.17
CA VAL A 14 -8.27 11.74 5.02
C VAL A 14 -9.64 11.67 4.36
N ARG A 15 -9.73 10.90 3.28
CA ARG A 15 -10.98 10.64 2.59
C ARG A 15 -11.46 9.23 2.95
N PHE A 16 -12.67 9.13 3.51
CA PHE A 16 -13.27 7.85 3.85
C PHE A 16 -14.32 7.53 2.80
N PHE A 17 -14.07 6.49 2.00
CA PHE A 17 -14.99 6.15 0.91
C PHE A 17 -16.21 5.42 1.44
N GLY A 18 -17.38 5.81 0.92
CA GLY A 18 -18.59 5.04 1.11
C GLY A 18 -18.74 4.00 0.03
N PRO A 19 -19.82 3.23 0.06
CA PRO A 19 -20.05 2.21 -0.97
C PRO A 19 -20.06 2.82 -2.36
N SER A 20 -19.37 2.15 -3.29
CA SER A 20 -19.35 2.57 -4.68
C SER A 20 -20.60 2.08 -5.38
N HIS A 21 -20.70 2.41 -6.67
CA HIS A 21 -21.74 1.92 -7.56
C HIS A 21 -21.53 0.47 -7.96
N HIS A 22 -20.43 -0.15 -7.56
CA HIS A 22 -20.09 -1.48 -8.02
C HIS A 22 -20.69 -2.54 -7.09
N PHE A 23 -20.77 -3.76 -7.60
CA PHE A 23 -21.28 -4.87 -6.80
C PHE A 23 -20.43 -5.04 -5.54
N GLY A 24 -21.09 -5.10 -4.39
CA GLY A 24 -20.38 -5.15 -3.12
C GLY A 24 -19.82 -3.82 -2.67
N GLY A 25 -19.97 -2.76 -3.48
CA GLY A 25 -19.60 -1.42 -3.09
C GLY A 25 -18.11 -1.11 -3.09
N PHE A 26 -17.28 -2.00 -3.62
CA PHE A 26 -15.83 -1.84 -3.49
C PHE A 26 -15.35 -0.59 -4.22
N THR A 27 -14.39 0.09 -3.61
CA THR A 27 -13.86 1.31 -4.20
C THR A 27 -12.99 0.97 -5.40
N PRO A 28 -13.15 1.63 -6.54
CA PRO A 28 -12.25 1.36 -7.67
C PRO A 28 -10.83 1.73 -7.30
N LEU A 29 -9.87 0.98 -7.89
CA LEU A 29 -8.48 1.26 -7.59
C LEU A 29 -8.05 2.61 -8.16
N TYR A 30 -8.55 2.96 -9.34
CA TYR A 30 -8.20 4.20 -10.03
C TYR A 30 -9.47 4.80 -10.64
N ASP A 31 -9.51 6.15 -10.68
CA ASP A 31 -10.64 6.95 -11.12
C ASP A 31 -10.51 7.35 -12.58
N PRO A 32 -11.63 7.63 -13.25
CA PRO A 32 -11.56 7.94 -14.69
C PRO A 32 -10.98 9.30 -15.00
N ALA A 33 -11.15 10.30 -14.13
CA ALA A 33 -10.70 11.66 -14.43
C ALA A 33 -10.10 12.29 -13.18
N PRO A 34 -9.05 11.67 -12.64
CA PRO A 34 -8.45 12.20 -11.40
C PRO A 34 -7.77 13.53 -11.64
N ASP A 35 -7.88 14.42 -10.65
CA ASP A 35 -7.18 15.69 -10.73
C ASP A 35 -5.88 15.70 -9.94
N LYS A 36 -5.56 14.61 -9.24
CA LYS A 36 -4.25 14.46 -8.62
C LYS A 36 -3.82 13.01 -8.71
N ARG A 37 -2.55 12.75 -8.40
CA ARG A 37 -1.96 11.41 -8.53
C ARG A 37 -2.11 10.69 -7.21
N VAL A 38 -3.01 9.72 -7.18
CA VAL A 38 -3.27 8.89 -6.00
C VAL A 38 -2.72 7.49 -6.30
N ALA A 39 -1.74 7.06 -5.51
CA ALA A 39 -1.18 5.71 -5.61
C ALA A 39 -1.98 4.75 -4.76
N THR A 40 -2.47 3.68 -5.36
CA THR A 40 -3.25 2.70 -4.61
C THR A 40 -2.33 1.58 -4.12
N VAL A 41 -2.57 1.15 -2.88
CA VAL A 41 -1.67 0.25 -2.18
C VAL A 41 -2.26 -1.15 -2.22
N ASP A 42 -1.59 -2.05 -2.94
CA ASP A 42 -2.00 -3.44 -3.01
C ASP A 42 -1.70 -4.14 -1.69
N ALA A 43 -2.69 -4.85 -1.16
CA ALA A 43 -2.50 -5.76 -0.02
C ALA A 43 -1.85 -7.02 -0.57
N GLY A 44 -0.53 -7.03 -0.60
CA GLY A 44 0.19 -8.07 -1.28
C GLY A 44 0.22 -9.41 -0.55
N ALA A 45 0.65 -10.42 -1.31
CA ALA A 45 0.91 -11.74 -0.80
C ALA A 45 2.35 -11.82 -0.30
N ASN A 46 2.59 -12.71 0.67
CA ASN A 46 3.93 -12.90 1.18
C ASN A 46 4.90 -13.29 0.07
N ALA A 47 4.43 -14.03 -0.94
CA ALA A 47 5.27 -14.49 -2.04
C ALA A 47 5.49 -13.45 -3.12
N LEU A 48 4.86 -12.27 -3.00
CA LEU A 48 5.18 -11.06 -3.77
C LEU A 48 4.69 -11.10 -5.23
N PHE A 49 3.73 -11.95 -5.56
CA PHE A 49 3.11 -11.92 -6.88
C PHE A 49 1.91 -10.98 -6.90
N ILE A 50 1.58 -10.50 -8.10
CA ILE A 50 0.33 -9.79 -8.33
C ILE A 50 -0.62 -10.77 -9.02
N GLY A 51 -1.72 -11.09 -8.35
CA GLY A 51 -2.62 -12.14 -8.80
C GLY A 51 -3.45 -12.62 -7.61
N GLY A 52 -4.06 -13.78 -7.77
CA GLY A 52 -4.81 -14.35 -6.67
C GLY A 52 -6.16 -13.68 -6.49
N GLY A 53 -6.63 -13.67 -5.24
CA GLY A 53 -7.93 -13.15 -4.90
C GLY A 53 -7.86 -11.78 -4.22
N GLY A 54 -9.04 -11.34 -3.80
CA GLY A 54 -9.20 -10.09 -3.08
C GLY A 54 -8.60 -8.90 -3.82
N LEU A 55 -8.03 -7.99 -3.04
CA LEU A 55 -7.50 -6.75 -3.59
C LEU A 55 -6.34 -7.01 -4.55
N ASN A 56 -5.47 -7.97 -4.21
CA ASN A 56 -4.36 -8.29 -5.10
C ASN A 56 -4.86 -8.78 -6.45
N GLY A 57 -5.94 -9.57 -6.45
CA GLY A 57 -6.57 -9.99 -7.69
C GLY A 57 -7.17 -8.84 -8.46
N GLN A 58 -7.70 -7.84 -7.75
CA GLN A 58 -8.22 -6.66 -8.44
C GLN A 58 -7.11 -5.86 -9.11
N PHE A 59 -5.92 -5.79 -8.49
CA PHE A 59 -4.79 -5.17 -9.18
C PHE A 59 -4.42 -5.94 -10.44
N ALA A 60 -4.39 -7.26 -10.34
CA ALA A 60 -4.10 -8.08 -11.52
C ALA A 60 -5.09 -7.79 -12.63
N LYS A 61 -6.38 -7.80 -12.29
CA LYS A 61 -7.43 -7.55 -13.28
C LYS A 61 -7.26 -6.19 -13.94
N THR A 62 -7.04 -5.15 -13.14
CA THR A 62 -6.85 -3.81 -13.69
C THR A 62 -5.71 -3.78 -14.70
N LEU A 63 -4.55 -4.34 -14.34
CA LEU A 63 -3.40 -4.30 -15.24
C LEU A 63 -3.63 -5.17 -16.48
N LEU A 64 -4.19 -6.36 -16.27
CA LEU A 64 -4.46 -7.25 -17.40
C LEU A 64 -5.47 -6.64 -18.36
N GLU A 65 -6.49 -5.96 -17.84
CA GLU A 65 -7.48 -5.37 -18.72
C GLU A 65 -6.90 -4.23 -19.55
N GLU A 66 -6.06 -3.40 -18.93
CA GLU A 66 -5.42 -2.33 -19.70
C GLU A 66 -4.47 -2.90 -20.74
N ALA A 67 -3.69 -3.92 -20.36
CA ALA A 67 -2.80 -4.54 -21.34
C ALA A 67 -3.58 -5.07 -22.53
N GLU A 68 -4.71 -5.74 -22.28
CA GLU A 68 -5.52 -6.30 -23.36
C GLU A 68 -6.01 -5.21 -24.31
N LYS A 69 -6.45 -4.07 -23.76
CA LYS A 69 -6.90 -2.96 -24.60
C LYS A 69 -5.79 -2.49 -25.54
N HIS A 70 -4.54 -2.56 -25.10
CA HIS A 70 -3.41 -2.10 -25.89
C HIS A 70 -2.82 -3.20 -26.75
N GLY A 71 -3.42 -4.38 -26.79
CA GLY A 71 -2.93 -5.46 -27.60
C GLY A 71 -1.66 -6.08 -27.08
N ILE A 72 -1.31 -5.84 -25.83
CA ILE A 72 -0.16 -6.45 -25.20
C ILE A 72 -0.55 -7.86 -24.76
N ARG A 73 0.19 -8.85 -25.24
CA ARG A 73 -0.11 -10.24 -24.87
C ARG A 73 0.49 -10.47 -23.48
N LEU A 74 -0.38 -10.55 -22.48
CA LEU A 74 0.03 -10.69 -21.09
C LEU A 74 -1.02 -11.54 -20.39
N THR A 75 -0.67 -12.76 -20.02
CA THR A 75 -1.64 -13.58 -19.31
C THR A 75 -1.56 -13.32 -17.81
N PRO A 76 -2.59 -13.70 -17.05
CA PRO A 76 -2.47 -13.57 -15.58
C PRO A 76 -1.30 -14.35 -15.02
N GLU A 77 -1.00 -15.51 -15.59
CA GLU A 77 0.13 -16.31 -15.12
C GLU A 77 1.46 -15.60 -15.37
N GLU A 78 1.61 -15.01 -16.56
CA GLU A 78 2.80 -14.23 -16.86
C GLU A 78 2.91 -13.01 -15.95
N LEU A 79 1.78 -12.34 -15.67
CA LEU A 79 1.83 -11.20 -14.79
C LEU A 79 2.23 -11.61 -13.39
N SER A 80 1.68 -12.73 -12.90
CA SER A 80 2.01 -13.24 -11.58
C SER A 80 3.49 -13.58 -11.47
N GLN A 81 4.02 -14.33 -12.43
CA GLN A 81 5.41 -14.74 -12.38
C GLN A 81 6.35 -13.55 -12.51
N HIS A 82 6.02 -12.62 -13.40
CA HIS A 82 6.87 -11.47 -13.66
C HIS A 82 6.91 -10.53 -12.45
N SER A 83 5.74 -10.15 -11.96
CA SER A 83 5.70 -9.27 -10.80
C SER A 83 6.41 -9.90 -9.62
N GLN A 84 6.28 -11.22 -9.46
CA GLN A 84 6.99 -11.89 -8.37
C GLN A 84 8.50 -11.81 -8.55
N ARG A 85 8.99 -12.04 -9.78
CA ARG A 85 10.42 -11.98 -10.03
C ARG A 85 10.97 -10.58 -9.76
N ILE A 86 10.26 -9.56 -10.25
CA ILE A 86 10.66 -8.16 -10.03
C ILE A 86 10.70 -7.85 -8.54
N GLN A 87 9.63 -8.20 -7.84
CA GLN A 87 9.56 -7.79 -6.44
C GLN A 87 10.46 -8.64 -5.54
N GLN A 88 10.68 -9.92 -5.86
CA GLN A 88 11.71 -10.69 -5.18
CA GLN A 88 11.70 -10.67 -5.15
C GLN A 88 13.07 -10.04 -5.35
N SER A 89 13.37 -9.55 -6.55
CA SER A 89 14.66 -8.89 -6.79
C SER A 89 14.77 -7.60 -6.00
N LEU A 90 13.67 -6.83 -5.93
CA LEU A 90 13.69 -5.60 -5.15
C LEU A 90 13.82 -5.89 -3.67
N LEU A 91 13.13 -6.92 -3.18
CA LEU A 91 13.26 -7.31 -1.79
C LEU A 91 14.70 -7.66 -1.45
N ARG A 92 15.37 -8.42 -2.32
CA ARG A 92 16.75 -8.78 -2.07
C ARG A 92 17.65 -7.55 -1.99
N ARG A 93 17.45 -6.59 -2.89
CA ARG A 93 18.22 -5.36 -2.87
C ARG A 93 17.88 -4.52 -1.65
N ALA A 94 16.59 -4.45 -1.28
CA ALA A 94 16.17 -3.64 -0.15
C ALA A 94 16.71 -4.17 1.16
N VAL A 95 16.74 -5.50 1.33
CA VAL A 95 17.28 -6.08 2.56
C VAL A 95 18.76 -5.80 2.71
N LYS A 96 19.48 -5.57 1.60
CA LYS A 96 20.91 -5.26 1.67
C LYS A 96 21.18 -3.78 1.94
N SER A 97 20.16 -2.92 1.87
CA SER A 97 20.27 -1.52 2.27
C SER A 97 19.03 -1.19 3.09
N PRO A 98 18.88 -1.79 4.27
CA PRO A 98 17.62 -1.65 5.00
C PRO A 98 17.38 -0.20 5.42
N GLY A 99 16.12 0.21 5.34
CA GLY A 99 15.79 1.57 5.68
C GLY A 99 16.12 2.59 4.61
N LYS A 100 16.50 2.15 3.42
CA LYS A 100 16.74 3.03 2.28
C LYS A 100 15.83 2.61 1.13
N LEU A 101 15.30 3.59 0.39
CA LEU A 101 14.62 3.26 -0.86
C LEU A 101 15.65 2.79 -1.89
N VAL A 102 15.37 1.64 -2.52
CA VAL A 102 16.25 1.09 -3.55
C VAL A 102 15.48 1.03 -4.87
N GLU A 103 16.23 1.06 -5.97
CA GLU A 103 15.62 1.09 -7.29
C GLU A 103 16.14 -0.06 -8.11
N LEU A 104 15.25 -0.71 -8.85
CA LEU A 104 15.67 -1.78 -9.74
C LEU A 104 16.34 -1.17 -10.97
N ASP A 105 17.36 -1.86 -11.48
CA ASP A 105 18.07 -1.37 -12.65
C ASP A 105 17.11 -1.09 -13.79
N THR A 106 17.28 0.07 -14.43
CA THR A 106 16.39 0.47 -15.51
C THR A 106 16.52 -0.45 -16.73
N GLY A 107 17.57 -1.27 -16.79
CA GLY A 107 17.76 -2.18 -17.90
C GLY A 107 16.93 -3.45 -17.84
N VAL A 108 16.24 -3.69 -16.72
CA VAL A 108 15.39 -4.86 -16.59
C VAL A 108 14.12 -4.63 -17.39
N ALA A 109 13.73 -5.62 -18.19
CA ALA A 109 12.54 -5.48 -19.03
C ALA A 109 11.28 -5.74 -18.22
N SER A 110 10.21 -5.03 -18.57
CA SER A 110 8.91 -5.28 -17.96
C SER A 110 7.79 -4.90 -18.92
N PRO A 111 6.75 -5.72 -19.04
CA PRO A 111 5.56 -5.32 -19.80
C PRO A 111 4.65 -4.35 -19.05
N VAL A 112 4.87 -4.15 -17.74
CA VAL A 112 3.91 -3.40 -16.93
C VAL A 112 4.58 -2.24 -16.21
N PHE A 113 5.83 -2.40 -15.81
CA PHE A 113 6.51 -1.44 -14.95
C PHE A 113 7.51 -0.62 -15.73
N ALA A 114 7.42 0.69 -15.61
CA ALA A 114 8.41 1.60 -16.17
C ALA A 114 9.58 1.82 -15.23
N ARG A 115 9.32 1.91 -13.92
CA ARG A 115 10.35 2.09 -12.92
C ARG A 115 9.83 1.49 -11.62
N SER A 116 10.72 0.86 -10.84
CA SER A 116 10.31 0.12 -9.65
C SER A 116 11.24 0.41 -8.49
N PHE A 117 10.67 0.56 -7.30
CA PHE A 117 11.42 0.82 -6.09
C PHE A 117 11.00 -0.13 -4.98
N GLY A 118 11.91 -0.36 -4.03
CA GLY A 118 11.58 -1.18 -2.88
C GLY A 118 12.11 -0.55 -1.61
N PHE A 119 11.49 -0.93 -0.49
CA PHE A 119 11.83 -0.37 0.80
C PHE A 119 11.47 -1.37 1.90
N VAL A 120 12.42 -1.69 2.77
CA VAL A 120 12.10 -2.38 4.01
C VAL A 120 12.51 -1.48 5.16
N PRO A 121 11.60 -1.16 6.09
CA PRO A 121 11.99 -0.33 7.23
C PRO A 121 13.01 -1.00 8.10
N VAL A 122 12.89 -2.32 8.25
CA VAL A 122 13.87 -3.17 8.93
C VAL A 122 13.85 -4.50 8.21
N VAL A 123 14.92 -5.28 8.38
CA VAL A 123 15.01 -6.60 7.75
C VAL A 123 13.88 -7.46 8.27
N PRO A 124 13.02 -8.00 7.40
CA PRO A 124 11.93 -8.85 7.88
C PRO A 124 12.49 -10.07 8.60
N GLY A 125 11.89 -10.39 9.74
CA GLY A 125 12.30 -11.55 10.51
C GLY A 125 13.42 -11.29 11.49
N LEU A 126 14.03 -10.10 11.45
CA LEU A 126 15.09 -9.78 12.39
C LEU A 126 14.53 -9.38 13.76
N MET A 127 13.43 -8.61 13.76
CA MET A 127 12.84 -8.09 14.98
C MET A 127 11.57 -8.82 15.40
N TRP A 128 11.16 -9.84 14.66
CA TRP A 128 9.97 -10.61 14.98
C TRP A 128 10.15 -12.01 14.40
N GLU A 129 9.25 -12.90 14.78
CA GLU A 129 9.27 -14.28 14.32
C GLU A 129 8.50 -14.39 13.01
N GLU A 130 9.18 -14.81 11.95
CA GLU A 130 8.51 -15.03 10.67
C GLU A 130 7.44 -16.11 10.80
N SER A 131 7.63 -17.07 11.71
CA SER A 131 6.63 -18.10 11.94
C SER A 131 5.33 -17.51 12.48
N GLU A 132 5.39 -16.34 13.11
CA GLU A 132 4.20 -15.70 13.69
C GLU A 132 3.54 -14.70 12.76
N VAL A 133 4.31 -13.78 12.17
CA VAL A 133 3.69 -12.75 11.35
C VAL A 133 3.69 -13.10 9.86
N GLY A 134 4.50 -14.08 9.45
CA GLY A 134 4.60 -14.44 8.06
C GLY A 134 5.86 -13.89 7.42
N PRO A 135 6.24 -14.43 6.27
CA PRO A 135 7.49 -14.01 5.62
C PRO A 135 7.37 -12.65 4.95
N ASN A 136 8.50 -11.95 4.88
CA ASN A 136 8.67 -10.72 4.11
C ASN A 136 7.81 -9.57 4.62
N VAL A 137 7.39 -9.60 5.88
CA VAL A 137 6.46 -8.57 6.37
C VAL A 137 7.16 -7.21 6.43
N GLY A 138 6.45 -6.17 6.01
CA GLY A 138 6.93 -4.81 6.09
C GLY A 138 7.53 -4.26 4.81
N VAL A 139 7.76 -5.10 3.80
CA VAL A 139 8.30 -4.60 2.55
C VAL A 139 7.20 -3.87 1.79
N THR A 140 7.55 -2.71 1.23
CA THR A 140 6.69 -1.94 0.33
C THR A 140 7.44 -1.71 -0.97
N PHE A 141 6.75 -1.93 -2.08
CA PHE A 141 7.25 -1.56 -3.40
C PHE A 141 6.45 -0.40 -3.96
N VAL A 142 7.13 0.44 -4.75
CA VAL A 142 6.50 1.52 -5.51
C VAL A 142 6.79 1.28 -6.97
N HIS A 143 5.76 1.30 -7.82
CA HIS A 143 5.96 1.12 -9.26
C HIS A 143 5.34 2.27 -10.02
N ILE A 144 6.10 2.82 -10.97
CA ILE A 144 5.53 3.66 -12.02
C ILE A 144 5.10 2.74 -13.15
N LEU A 145 3.83 2.82 -13.55
CA LEU A 145 3.31 1.92 -14.58
C LEU A 145 3.65 2.45 -15.96
N LYS A 146 3.88 1.53 -16.90
CA LYS A 146 4.04 1.93 -18.28
C LYS A 146 2.74 2.53 -18.79
N PRO A 147 2.80 3.51 -19.71
CA PRO A 147 1.58 4.06 -20.29
C PRO A 147 0.60 3.02 -20.78
N GLU A 148 1.08 1.91 -21.34
CA GLU A 148 0.17 0.93 -21.93
C GLU A 148 -0.63 0.13 -20.90
N VAL A 149 -0.30 0.21 -19.62
CA VAL A 149 -1.13 -0.44 -18.61
C VAL A 149 -1.66 0.56 -17.59
N THR A 150 -1.59 1.85 -17.90
CA THR A 150 -2.03 2.88 -16.95
C THR A 150 -3.54 3.06 -17.05
N PRO A 151 -4.29 2.88 -15.95
CA PRO A 151 -5.76 2.99 -16.03
C PRO A 151 -6.22 4.30 -16.63
N TYR A 152 -7.14 4.18 -17.60
CA TYR A 152 -7.74 5.29 -18.34
C TYR A 152 -6.75 6.09 -19.17
N GLY A 153 -5.51 5.62 -19.31
CA GLY A 153 -4.52 6.41 -20.02
C GLY A 153 -4.22 7.74 -19.36
N ASN A 154 -4.49 7.87 -18.07
CA ASN A 154 -4.35 9.14 -17.39
C ASN A 154 -3.06 9.10 -16.57
N LEU A 155 -2.19 10.09 -16.79
CA LEU A 155 -0.90 10.12 -16.12
C LEU A 155 -1.04 10.19 -14.60
N ASN A 156 -2.19 10.64 -14.08
CA ASN A 156 -2.35 10.66 -12.63
C ASN A 156 -2.63 9.28 -12.04
N ASN A 157 -2.79 8.26 -12.89
CA ASN A 157 -3.03 6.88 -12.46
C ASN A 157 -1.82 5.99 -12.69
N ASN A 158 -0.61 6.55 -12.75
CA ASN A 158 0.55 5.75 -13.16
C ASN A 158 1.43 5.28 -12.01
N VAL A 159 0.95 5.32 -10.76
CA VAL A 159 1.75 4.77 -9.66
C VAL A 159 0.89 3.79 -8.86
N MET A 160 1.46 2.62 -8.56
CA MET A 160 0.86 1.69 -7.62
C MET A 160 1.89 1.37 -6.55
N MET A 161 1.41 0.84 -5.43
CA MET A 161 2.29 0.34 -4.40
C MET A 161 1.85 -1.06 -4.02
N TYR A 162 2.72 -1.76 -3.28
CA TYR A 162 2.47 -3.16 -2.94
C TYR A 162 3.14 -3.42 -1.61
N THR A 163 2.37 -3.90 -0.63
CA THR A 163 2.82 -3.96 0.75
C THR A 163 2.47 -5.32 1.37
N VAL A 164 3.36 -5.87 2.18
CA VAL A 164 3.14 -7.16 2.84
C VAL A 164 2.85 -6.91 4.31
N ALA A 165 1.63 -7.19 4.73
CA ALA A 165 1.16 -6.93 6.08
C ALA A 165 1.36 -8.17 6.97
N PRO A 166 1.38 -7.99 8.29
CA PRO A 166 1.52 -9.14 9.19
C PRO A 166 0.25 -9.98 9.26
N SER A 167 0.46 -11.26 9.62
CA SER A 167 -0.64 -12.19 9.82
C SER A 167 -1.35 -11.91 11.14
N GLY A 168 -2.68 -11.97 11.12
CA GLY A 168 -3.45 -11.67 12.32
C GLY A 168 -3.28 -12.69 13.44
N ALA A 169 -2.78 -13.88 13.11
CA ALA A 169 -2.57 -14.95 14.10
C ALA A 169 -1.44 -14.66 15.06
N ALA A 170 -0.59 -13.68 14.76
CA ALA A 170 0.53 -13.36 15.63
C ALA A 170 0.05 -12.79 16.97
N PRO A 171 0.81 -12.98 18.04
CA PRO A 171 0.46 -12.38 19.33
C PRO A 171 0.43 -10.87 19.24
N ASP A 172 -0.30 -10.25 20.18
CA ASP A 172 -0.60 -8.82 20.10
C ASP A 172 0.67 -7.96 20.05
N LYS A 173 1.63 -8.26 20.91
CA LYS A 173 2.80 -7.40 21.03
C LYS A 173 3.60 -7.37 19.73
N THR A 174 3.89 -8.56 19.19
CA THR A 174 4.66 -8.60 17.94
C THR A 174 3.81 -8.11 16.77
N TYR A 175 2.51 -8.40 16.78
CA TYR A 175 1.64 -7.91 15.70
C TYR A 175 1.66 -6.38 15.65
N SER A 176 1.56 -5.74 16.81
CA SER A 176 1.57 -4.27 16.84
C SER A 176 2.89 -3.73 16.29
N LEU A 177 4.01 -4.32 16.69
CA LEU A 177 5.30 -3.89 16.17
C LEU A 177 5.38 -4.10 14.66
N ALA A 178 4.99 -5.28 14.19
CA ALA A 178 5.08 -5.54 12.75
C ALA A 178 4.12 -4.63 11.99
N TYR A 179 2.96 -4.33 12.57
CA TYR A 179 1.98 -3.50 11.85
C TYR A 179 2.46 -2.06 11.78
N LYS A 180 2.92 -1.51 12.90
CA LYS A 180 3.48 -0.16 12.88
C LYS A 180 4.65 -0.07 11.91
N THR A 181 5.51 -1.10 11.90
CA THR A 181 6.62 -1.12 10.95
C THR A 181 6.11 -1.09 9.51
N THR A 182 5.05 -1.85 9.22
CA THR A 182 4.52 -1.94 7.86
C THR A 182 4.00 -0.58 7.40
N ILE A 183 3.27 0.12 8.27
CA ILE A 183 2.73 1.42 7.90
C ILE A 183 3.86 2.44 7.72
N ALA A 184 4.90 2.36 8.56
CA ALA A 184 6.08 3.18 8.35
C ALA A 184 6.67 2.92 6.97
N GLY A 185 6.69 1.67 6.54
CA GLY A 185 7.21 1.36 5.22
C GLY A 185 6.36 1.95 4.10
N VAL A 186 5.03 1.95 4.29
CA VAL A 186 4.14 2.51 3.28
C VAL A 186 4.36 4.01 3.14
N ILE A 187 4.21 4.74 4.23
CA ILE A 187 4.37 6.20 4.19
C ILE A 187 5.80 6.57 3.85
N GLY A 188 6.77 5.86 4.43
CA GLY A 188 8.16 6.18 4.17
C GLY A 188 8.57 5.95 2.72
N ALA A 189 8.12 4.84 2.13
CA ALA A 189 8.47 4.58 0.73
C ALA A 189 7.91 5.66 -0.19
N ALA A 190 6.66 6.09 0.03
CA ALA A 190 6.06 7.13 -0.80
C ALA A 190 6.76 8.47 -0.59
N ALA A 191 7.06 8.83 0.67
CA ALA A 191 7.75 10.08 0.93
C ALA A 191 9.12 10.07 0.28
N ALA A 192 9.83 8.95 0.39
CA ALA A 192 11.15 8.81 -0.23
C ALA A 192 11.04 8.87 -1.75
N TYR A 193 10.04 8.16 -2.31
CA TYR A 193 9.82 8.21 -3.75
C TYR A 193 9.66 9.65 -4.24
N ASN A 194 8.92 10.47 -3.48
CA ASN A 194 8.73 11.86 -3.86
C ASN A 194 10.00 12.69 -3.78
N ASP A 195 11.07 12.16 -3.19
CA ASP A 195 12.38 12.82 -3.19
C ASP A 195 13.34 12.24 -4.22
N THR A 196 12.87 11.37 -5.12
CA THR A 196 13.68 10.85 -6.22
C THR A 196 13.47 11.67 -7.49
N PRO A 197 14.38 11.56 -8.45
CA PRO A 197 14.15 12.25 -9.73
C PRO A 197 12.85 11.86 -10.40
N ALA A 198 12.52 10.56 -10.38
CA ALA A 198 11.26 10.12 -10.97
C ALA A 198 10.08 10.75 -10.27
N GLY A 199 10.15 10.85 -8.93
CA GLY A 199 9.08 11.46 -8.15
C GLY A 199 8.96 12.96 -8.32
N GLN A 200 10.02 13.63 -8.78
CA GLN A 200 9.87 15.05 -9.13
C GLN A 200 8.94 15.22 -10.32
N GLN A 201 9.04 14.33 -11.30
CA GLN A 201 8.16 14.40 -12.46
C GLN A 201 6.76 13.84 -12.18
N TYR A 202 6.67 12.75 -11.41
CA TYR A 202 5.40 12.08 -11.13
C TYR A 202 5.15 11.99 -9.64
N PRO A 203 4.89 13.12 -8.98
CA PRO A 203 4.75 13.10 -7.52
C PRO A 203 3.47 12.41 -7.07
N VAL A 204 3.60 11.60 -6.02
CA VAL A 204 2.44 10.98 -5.39
C VAL A 204 1.77 12.02 -4.49
N GLN A 205 0.49 12.30 -4.77
CA GLN A 205 -0.27 13.32 -4.08
C GLN A 205 -1.35 12.74 -3.19
N GLY A 206 -1.49 11.42 -3.17
CA GLY A 206 -2.40 10.76 -2.27
C GLY A 206 -2.12 9.29 -2.27
N LEU A 207 -2.51 8.63 -1.18
CA LEU A 207 -2.48 7.17 -1.09
C LEU A 207 -3.90 6.68 -0.93
N ARG A 208 -4.24 5.62 -1.66
CA ARG A 208 -5.53 4.95 -1.53
C ARG A 208 -5.27 3.58 -0.92
N LEU A 209 -5.75 3.38 0.30
CA LEU A 209 -5.34 2.28 1.14
C LEU A 209 -6.52 1.39 1.48
N PRO A 210 -6.33 0.08 1.53
CA PRO A 210 -7.26 -0.78 2.26
C PRO A 210 -6.88 -0.74 3.73
N LEU A 211 -7.64 -1.46 4.55
CA LEU A 211 -7.14 -1.78 5.89
C LEU A 211 -6.16 -2.93 5.71
N LEU A 212 -4.86 -2.61 5.75
CA LEU A 212 -3.86 -3.63 5.51
C LEU A 212 -3.95 -4.72 6.57
N GLY A 213 -3.71 -5.96 6.15
CA GLY A 213 -3.88 -7.09 7.03
C GLY A 213 -5.31 -7.49 7.30
N GLY A 214 -6.29 -6.78 6.73
CA GLY A 214 -7.68 -6.96 7.08
C GLY A 214 -8.46 -7.96 6.27
N GLY A 215 -7.84 -8.60 5.28
CA GLY A 215 -8.52 -9.59 4.49
C GLY A 215 -8.18 -10.98 4.97
N ILE A 216 -7.77 -11.85 4.04
CA ILE A 216 -7.45 -13.23 4.38
C ILE A 216 -6.30 -13.29 5.38
N PHE A 217 -5.49 -12.23 5.50
CA PHE A 217 -4.38 -12.24 6.43
C PHE A 217 -4.83 -12.17 7.88
N ARG A 218 -6.04 -11.67 8.15
CA ARG A 218 -6.35 -11.39 9.54
C ARG A 218 -6.64 -12.65 10.33
N ARG A 219 -7.02 -13.72 9.64
CA ARG A 219 -7.39 -14.97 10.27
C ARG A 219 -8.42 -14.72 11.35
N ASN A 220 -8.10 -14.97 12.61
CA ASN A 220 -9.13 -14.84 13.64
C ASN A 220 -8.98 -13.57 14.46
N ARG A 221 -8.17 -12.62 13.99
CA ARG A 221 -8.00 -11.35 14.70
C ARG A 221 -9.14 -10.39 14.38
N SER A 222 -9.55 -9.61 15.39
CA SER A 222 -10.66 -8.68 15.21
C SER A 222 -10.25 -7.52 14.30
N LEU A 223 -11.23 -7.03 13.52
CA LEU A 223 -11.00 -5.81 12.75
C LEU A 223 -10.73 -4.62 13.66
N GLU A 224 -11.31 -4.63 14.87
CA GLU A 224 -11.07 -3.57 15.83
C GLU A 224 -9.60 -3.44 16.20
N SER A 225 -8.94 -4.57 16.48
CA SER A 225 -7.53 -4.49 16.86
C SER A 225 -6.70 -4.00 15.69
N ILE A 226 -7.06 -4.40 14.47
CA ILE A 226 -6.30 -3.98 13.30
C ILE A 226 -6.52 -2.50 13.02
N GLY A 227 -7.74 -2.01 13.19
CA GLY A 227 -7.97 -0.58 13.05
C GLY A 227 -7.18 0.25 14.06
N ARG A 228 -7.03 -0.28 15.28
CA ARG A 228 -6.24 0.43 16.28
C ARG A 228 -4.76 0.44 15.89
N ALA A 229 -4.24 -0.69 15.40
CA ALA A 229 -2.85 -0.74 14.95
C ALA A 229 -2.63 0.20 13.79
N ASN A 230 -3.60 0.28 12.87
CA ASN A 230 -3.45 1.18 11.73
C ASN A 230 -3.43 2.63 12.16
N ALA A 231 -4.28 3.01 13.11
CA ALA A 231 -4.31 4.39 13.56
C ALA A 231 -3.01 4.78 14.24
N GLU A 232 -2.49 3.89 15.10
CA GLU A 232 -1.23 4.21 15.77
C GLU A 232 -0.07 4.22 14.79
N GLY A 233 -0.01 3.21 13.91
CA GLY A 233 1.08 3.16 12.95
C GLY A 233 1.06 4.33 11.99
N THR A 234 -0.13 4.79 11.61
CA THR A 234 -0.23 5.92 10.68
C THR A 234 0.19 7.21 11.36
N SER A 235 -0.26 7.42 12.60
CA SER A 235 0.16 8.60 13.34
C SER A 235 1.67 8.66 13.48
N LEU A 236 2.29 7.54 13.84
CA LEU A 236 3.74 7.50 14.02
C LEU A 236 4.46 7.72 12.70
N ALA A 237 3.98 7.11 11.62
CA ALA A 237 4.64 7.27 10.33
C ALA A 237 4.57 8.72 9.84
N ILE A 238 3.45 9.39 10.12
CA ILE A 238 3.31 10.77 9.70
C ILE A 238 4.23 11.66 10.53
N THR A 239 4.38 11.35 11.82
CA THR A 239 5.33 12.09 12.63
C THR A 239 6.75 11.92 12.08
N ARG A 240 7.10 10.72 11.65
CA ARG A 240 8.47 10.48 11.16
C ARG A 240 8.74 11.22 9.85
N TYR A 241 7.80 11.19 8.89
CA TYR A 241 8.11 11.56 7.52
C TYR A 241 7.41 12.82 7.02
N GLY A 242 6.37 13.27 7.71
CA GLY A 242 5.66 14.48 7.35
C GLY A 242 5.23 14.55 5.89
N PRO A 243 4.54 13.52 5.40
CA PRO A 243 4.15 13.51 3.98
C PRO A 243 3.17 14.61 3.63
N ASN A 244 3.30 15.10 2.39
CA ASN A 244 2.41 16.12 1.88
C ASN A 244 1.11 15.57 1.33
N PHE A 245 1.01 14.26 1.13
CA PHE A 245 -0.12 13.72 0.39
C PHE A 245 -1.29 13.37 1.30
N GLU A 246 -2.47 13.27 0.69
CA GLU A 246 -3.65 12.89 1.47
C GLU A 246 -3.77 11.37 1.54
N LEU A 247 -4.56 10.91 2.50
CA LEU A 247 -4.84 9.49 2.68
C LEU A 247 -6.28 9.22 2.33
N GLN A 248 -6.53 8.08 1.69
CA GLN A 248 -7.89 7.66 1.38
C GLN A 248 -8.04 6.21 1.81
N TYR A 249 -9.13 5.90 2.47
CA TYR A 249 -9.41 4.52 2.88
C TYR A 249 -10.55 3.99 2.05
N MET A 250 -10.30 2.88 1.36
CA MET A 250 -11.29 2.27 0.50
C MET A 250 -12.47 1.74 1.33
N TYR A 251 -13.61 1.59 0.67
CA TYR A 251 -14.82 1.24 1.40
C TYR A 251 -14.66 -0.09 2.11
N ASP A 252 -15.03 -0.10 3.39
CA ASP A 252 -15.05 -1.28 4.23
C ASP A 252 -16.32 -1.22 5.07
N PRO A 253 -17.27 -2.15 4.89
CA PRO A 253 -18.52 -2.05 5.66
C PRO A 253 -18.32 -2.16 7.15
N SER A 254 -17.19 -2.71 7.60
CA SER A 254 -16.87 -2.73 9.03
C SER A 254 -16.41 -1.38 9.54
N ASN A 255 -16.02 -0.48 8.65
CA ASN A 255 -15.51 0.84 9.03
C ASN A 255 -14.33 0.74 10.00
N ALA A 256 -13.52 -0.31 9.89
CA ALA A 256 -12.51 -0.56 10.92
C ALA A 256 -11.42 0.51 10.93
N ALA A 257 -10.91 0.92 9.76
CA ALA A 257 -9.88 1.95 9.77
C ALA A 257 -10.45 3.26 10.28
N LEU A 258 -11.68 3.59 9.88
CA LEU A 258 -12.35 4.79 10.36
C LEU A 258 -12.46 4.78 11.88
N HIS A 259 -12.96 3.68 12.45
CA HIS A 259 -13.17 3.62 13.89
C HIS A 259 -11.86 3.76 14.64
N GLY A 260 -10.78 3.16 14.15
CA GLY A 260 -9.49 3.32 14.80
C GLY A 260 -9.07 4.78 14.82
N LEU A 261 -9.27 5.49 13.71
CA LEU A 261 -8.86 6.89 13.64
C LEU A 261 -9.76 7.78 14.49
N GLN A 262 -11.05 7.46 14.56
CA GLN A 262 -11.96 8.23 15.40
C GLN A 262 -11.56 8.14 16.87
N GLU A 263 -11.25 6.93 17.33
CA GLU A 263 -10.79 6.74 18.70
C GLU A 263 -9.50 7.53 18.96
N ALA A 264 -8.56 7.50 18.02
CA ALA A 264 -7.30 8.22 18.20
C ALA A 264 -7.52 9.74 18.14
N GLU A 265 -8.47 10.19 17.30
CA GLU A 265 -8.74 11.61 17.19
C GLU A 265 -9.31 12.17 18.50
N SER A 266 -10.30 11.48 19.07
CA SER A 266 -10.87 11.96 20.33
C SER A 266 -9.82 11.93 21.44
N THR A 267 -8.98 10.89 21.46
CA THR A 267 -7.91 10.83 22.45
C THR A 267 -6.96 12.01 22.29
N TYR A 268 -6.64 12.35 21.04
CA TYR A 268 -5.78 13.49 20.78
C TYR A 268 -6.40 14.79 21.29
N LEU A 269 -7.71 14.96 21.07
CA LEU A 269 -8.38 16.17 21.56
C LEU A 269 -8.24 16.32 23.06
N ALA A 270 -8.19 15.20 23.79
CA ALA A 270 -8.17 15.21 25.24
C ALA A 270 -6.76 15.19 25.84
N SER A 271 -5.72 15.24 25.00
CA SER A 271 -4.37 14.94 25.48
C SER A 271 -3.81 16.02 26.40
N ALA A 272 -4.38 17.22 26.39
CA ALA A 272 -3.91 18.29 27.27
C ALA A 272 -4.80 18.48 28.48
N ALA A 273 -5.85 17.68 28.63
CA ALA A 273 -6.75 17.79 29.77
C ALA A 273 -6.60 16.61 30.71
#